data_5ZMC
#
_entry.id   5ZMC
#
_cell.length_a   71.414
_cell.length_b   71.414
_cell.length_c   262.520
_cell.angle_alpha   90.00
_cell.angle_beta   90.00
_cell.angle_gamma   90.00
#
_symmetry.space_group_name_H-M   'P 41 2 2'
#
loop_
_entity.id
_entity.type
_entity.pdbx_description
1 polymer "DNA (5'-D(P*CP*GP*GP*GP*GP*AP*CP*CP*CP*GP*GP*AP*AP*GP*GP*G)-3')"
2 polymer "DNA (5'-D(P*GP*CP*CP*CP*TP*TP*CP*CP*GP*GP*GP*TP*CP*CP*CP*C)-3')"
3 polymer 'Protein C-ets-1'
4 polymer 'Nuclear factor NF-kappa-B p100 subunit'
#
loop_
_entity_poly.entity_id
_entity_poly.type
_entity_poly.pdbx_seq_one_letter_code
_entity_poly.pdbx_strand_id
1 'polydeoxyribonucleotide' (DC)(DG)(DG)(DG)(DG)(DA)(DC)(DC)(DC)(DG)(DG)(DA)(DA)(DG)(DG)(DG) C
2 'polydeoxyribonucleotide' (DG)(DC)(DC)(DC)(DT)(DT)(DC)(DC)(DG)(DG)(DG)(DT)(DC)(DC)(DC)(DC) D
3 'polypeptide(L)'
;GSGPIQLWQFLLELLTDKSCQSFISWTGDGWEFKLSDPDEVARRWGKRKNKPKMNYEKLSRGLRYYYDKNIIHKTAGKRY
VYRFVCDLQSLLGYTPEELHAMLDVKPDADE
;
B
4 'polypeptide(L)'
;ADGPYLVIVEQPKQRGFRFRYGCEGPSHGGLPGASSEKGRKTYPTVKICNYEGPAKIEVDLVTHSDPPRAHAHSLVGKQC
SELGICAVSVGPKDMTAQFNNLGVLHVTKKNMMGTMIQKLQRQRLRSRPQGLTEAEQRELEQEAKELKKVMDLSIVRLRF
SAFLRASDGSFSLPLKPVISQPIHDSKSPGASNLKISRMDKTAGSVRGGDEVYLLCDKVQKDDIEVRFYEDDENGWQAFG
DFSPTDVHKQYAIVFRTPPYHKMKIERPVTVFLQLKRKRGGDVSDSKQFTYYPLV
;
A
#
# COMPACT_ATOMS: atom_id res chain seq x y z
N SER C 2 0.69 -8.12 -6.15
CA SER C 2 0.67 -6.87 -5.39
C SER C 2 -0.22 -5.88 -6.08
N GLY C 3 -1.35 -6.35 -6.58
CA GLY C 3 -2.25 -5.47 -7.28
C GLY C 3 -3.21 -4.74 -6.38
N PRO C 4 -4.49 -4.84 -6.68
CA PRO C 4 -5.50 -4.15 -5.87
C PRO C 4 -5.28 -4.43 -4.40
N ILE C 5 -4.95 -3.38 -3.65
CA ILE C 5 -4.66 -3.48 -2.21
C ILE C 5 -5.81 -4.09 -1.42
N GLN C 6 -5.46 -4.88 -0.41
CA GLN C 6 -6.45 -5.55 0.41
C GLN C 6 -6.72 -4.77 1.67
N LEU C 7 -7.85 -5.07 2.31
CA LEU C 7 -8.23 -4.37 3.53
C LEU C 7 -7.10 -4.42 4.57
N TRP C 8 -6.65 -5.62 4.95
CA TRP C 8 -5.61 -5.71 5.97
C TRP C 8 -4.38 -4.89 5.59
N GLN C 9 -4.08 -4.84 4.30
CA GLN C 9 -2.94 -4.08 3.78
C GLN C 9 -3.15 -2.56 3.87
N PHE C 10 -4.38 -2.13 3.56
CA PHE C 10 -4.74 -0.72 3.71
C PHE C 10 -4.65 -0.22 5.15
N LEU C 11 -5.15 -1.01 6.09
CA LEU C 11 -5.09 -0.66 7.50
C LEU C 11 -3.63 -0.54 7.95
N LEU C 12 -2.78 -1.46 7.49
CA LEU C 12 -1.37 -1.45 7.85
C LEU C 12 -0.69 -0.20 7.35
N GLU C 13 -1.11 0.25 6.17
CA GLU C 13 -0.58 1.48 5.59
C GLU C 13 -0.93 2.63 6.54
N LEU C 14 -2.20 2.67 6.95
CA LEU C 14 -2.65 3.72 7.85
C LEU C 14 -1.88 3.72 9.18
N LEU C 15 -1.79 2.54 9.78
CA LEU C 15 -1.01 2.28 11.01
C LEU C 15 0.44 2.76 11.03
N THR C 16 1.05 2.95 9.87
CA THR C 16 2.45 3.39 9.78
C THR C 16 2.59 4.86 9.36
N ASP C 17 1.48 5.59 9.29
CA ASP C 17 1.46 7.02 9.01
C ASP C 17 1.11 7.76 10.30
N LYS C 18 2.02 8.61 10.75
CA LYS C 18 1.78 9.44 11.93
C LYS C 18 0.59 10.39 11.73
N SER C 19 0.39 10.87 10.51
CA SER C 19 -0.73 11.77 10.23
C SER C 19 -2.11 11.07 10.28
N CYS C 20 -2.16 9.77 10.57
CA CYS C 20 -3.44 9.06 10.70
C CYS C 20 -3.73 8.60 12.13
N GLN C 21 -2.89 8.99 13.08
CA GLN C 21 -2.98 8.40 14.42
C GLN C 21 -4.27 8.80 15.13
N SER C 22 -4.85 9.93 14.74
CA SER C 22 -6.06 10.44 15.36
C SER C 22 -7.28 9.54 15.16
N PHE C 23 -7.32 8.78 14.06
CA PHE C 23 -8.48 7.89 13.79
C PHE C 23 -8.16 6.39 13.71
N ILE C 24 -6.89 6.02 13.59
CA ILE C 24 -6.50 4.62 13.77
C ILE C 24 -5.11 4.61 14.37
N SER C 25 -4.87 3.66 15.27
CA SER C 25 -3.65 3.66 16.08
C SER C 25 -3.37 2.29 16.75
N TRP C 26 -2.10 2.07 17.10
CA TRP C 26 -1.69 0.87 17.86
C TRP C 26 -2.03 1.04 19.36
N THR C 27 -2.60 0.01 19.96
CA THR C 27 -2.89 0.04 21.39
C THR C 27 -1.64 -0.01 22.28
N GLY C 28 -0.51 -0.42 21.71
CA GLY C 28 0.72 -0.56 22.48
C GLY C 28 0.98 -1.99 22.92
N ASP C 29 0.09 -2.93 22.54
CA ASP C 29 0.29 -4.36 22.88
C ASP C 29 0.51 -5.29 21.65
N GLY C 30 1.78 -5.57 21.36
CA GLY C 30 2.12 -6.27 20.13
C GLY C 30 1.43 -5.61 18.95
N TRP C 31 0.81 -6.42 18.08
CA TRP C 31 0.14 -5.92 16.86
C TRP C 31 -1.35 -5.60 17.01
N GLU C 32 -1.80 -5.32 18.24
CA GLU C 32 -3.19 -4.91 18.49
C GLU C 32 -3.40 -3.46 18.14
N PHE C 33 -4.52 -3.17 17.50
CA PHE C 33 -4.79 -1.84 17.00
C PHE C 33 -6.26 -1.48 17.14
N LYS C 34 -6.54 -0.18 17.19
CA LYS C 34 -7.88 0.32 17.45
C LYS C 34 -8.29 1.31 16.37
N LEU C 35 -9.48 1.13 15.80
CA LEU C 35 -10.09 2.12 14.93
C LEU C 35 -10.76 3.13 15.86
N SER C 36 -10.02 4.15 16.28
CA SER C 36 -10.54 5.14 17.23
C SER C 36 -11.64 6.00 16.61
N ASP C 37 -11.60 6.18 15.29
CA ASP C 37 -12.71 6.78 14.54
C ASP C 37 -13.01 5.94 13.29
N PRO C 38 -13.89 4.93 13.45
CA PRO C 38 -14.21 3.97 12.38
C PRO C 38 -14.87 4.57 11.13
N ASP C 39 -15.64 5.65 11.29
CA ASP C 39 -16.32 6.26 10.14
C ASP C 39 -15.28 6.84 9.20
N GLU C 40 -14.26 7.46 9.79
CA GLU C 40 -13.17 8.00 9.00
C GLU C 40 -12.41 6.89 8.27
N VAL C 41 -12.07 5.83 8.98
CA VAL C 41 -11.27 4.75 8.39
C VAL C 41 -12.02 4.15 7.21
N ALA C 42 -13.28 3.79 7.41
CA ALA C 42 -14.13 3.30 6.32
C ALA C 42 -14.29 4.30 5.16
N ARG C 43 -14.31 5.60 5.47
CA ARG C 43 -14.40 6.60 4.40
C ARG C 43 -13.18 6.54 3.47
N ARG C 44 -11.99 6.40 4.06
CA ARG C 44 -10.75 6.33 3.29
C ARG C 44 -10.56 5.02 2.54
N TRP C 45 -10.86 3.90 3.21
CA TRP C 45 -10.88 2.61 2.54
C TRP C 45 -11.83 2.66 1.34
N GLY C 46 -13.03 3.18 1.57
CA GLY C 46 -14.01 3.38 0.50
C GLY C 46 -13.46 4.20 -0.64
N LYS C 47 -12.75 5.28 -0.30
CA LYS C 47 -12.11 6.13 -1.31
C LYS C 47 -11.07 5.39 -2.13
N ARG C 48 -10.24 4.58 -1.47
CA ARG C 48 -9.14 3.92 -2.17
C ARG C 48 -9.68 2.86 -3.12
N LYS C 49 -10.81 2.25 -2.74
CA LYS C 49 -11.39 1.17 -3.53
C LYS C 49 -12.60 1.61 -4.37
N ASN C 50 -12.80 2.92 -4.53
CA ASN C 50 -13.86 3.45 -5.39
C ASN C 50 -15.27 3.00 -4.96
N LYS C 51 -15.54 3.07 -3.65
CA LYS C 51 -16.81 2.68 -3.05
C LYS C 51 -17.32 3.79 -2.12
N PRO C 52 -17.94 4.84 -2.71
CA PRO C 52 -18.50 6.00 -2.00
C PRO C 52 -19.32 5.68 -0.73
N LYS C 53 -20.12 4.61 -0.81
CA LYS C 53 -21.07 4.26 0.23
C LYS C 53 -20.48 3.34 1.29
N MET C 54 -19.16 3.36 1.47
CA MET C 54 -18.50 2.49 2.42
C MET C 54 -18.69 3.02 3.86
N ASN C 55 -18.98 2.09 4.77
CA ASN C 55 -19.13 2.40 6.19
C ASN C 55 -18.48 1.31 7.04
N TYR C 56 -18.38 1.56 8.34
CA TYR C 56 -17.77 0.60 9.25
C TYR C 56 -18.54 -0.72 9.33
N GLU C 57 -19.86 -0.69 9.13
CA GLU C 57 -20.66 -1.91 9.25
C GLU C 57 -20.16 -2.89 8.22
N LYS C 58 -19.99 -2.40 7.00
CA LYS C 58 -19.55 -3.24 5.88
C LYS C 58 -18.06 -3.57 5.94
N LEU C 59 -17.23 -2.58 6.29
CA LEU C 59 -15.78 -2.77 6.42
C LEU C 59 -15.51 -3.82 7.48
N SER C 60 -16.31 -3.81 8.53
CA SER C 60 -16.23 -4.83 9.57
C SER C 60 -16.47 -6.26 9.04
N ARG C 61 -17.23 -6.42 7.97
CA ARG C 61 -17.54 -7.73 7.44
C ARG C 61 -16.30 -8.25 6.70
N GLY C 62 -15.61 -7.34 6.00
CA GLY C 62 -14.25 -7.58 5.56
C GLY C 62 -13.39 -8.14 6.68
N LEU C 63 -13.40 -7.48 7.82
CA LEU C 63 -12.60 -7.94 8.94
C LEU C 63 -13.05 -9.32 9.44
N ARG C 64 -14.35 -9.59 9.49
CA ARG C 64 -14.82 -10.90 9.96
C ARG C 64 -14.47 -12.08 9.03
N TYR C 65 -14.34 -11.83 7.73
CA TYR C 65 -13.86 -12.87 6.82
C TYR C 65 -12.38 -13.21 7.02
N TYR C 66 -11.67 -12.36 7.76
CA TYR C 66 -10.29 -12.63 8.08
C TYR C 66 -10.13 -13.60 9.28
N TYR C 67 -11.22 -13.89 9.98
CA TYR C 67 -11.13 -14.57 11.28
C TYR C 67 -10.66 -15.99 11.20
N ASP C 68 -11.06 -16.71 10.17
CA ASP C 68 -10.56 -18.07 9.97
C ASP C 68 -9.28 -18.13 9.08
N LYS C 69 -8.72 -16.98 8.69
CA LYS C 69 -7.66 -16.90 7.68
C LYS C 69 -6.30 -16.42 8.18
N ASN C 70 -6.03 -16.56 9.48
CA ASN C 70 -4.76 -16.13 10.08
C ASN C 70 -4.28 -14.74 9.73
N ILE C 71 -5.18 -13.81 9.42
CA ILE C 71 -4.80 -12.41 9.16
C ILE C 71 -5.04 -11.50 10.39
N ILE C 72 -6.31 -11.32 10.76
CA ILE C 72 -6.73 -10.40 11.83
C ILE C 72 -7.82 -11.04 12.69
N HIS C 73 -7.72 -10.86 14.01
CA HIS C 73 -8.77 -11.27 14.92
C HIS C 73 -9.35 -10.06 15.61
N LYS C 74 -10.54 -10.25 16.20
CA LYS C 74 -11.12 -9.28 17.14
C LYS C 74 -10.45 -9.43 18.51
N THR C 75 -10.40 -8.35 19.28
CA THR C 75 -10.15 -8.42 20.73
C THR C 75 -11.50 -8.33 21.42
N ALA C 76 -11.95 -9.45 21.92
CA ALA C 76 -13.24 -9.53 22.54
C ALA C 76 -13.44 -8.48 23.61
N GLY C 77 -14.59 -7.83 23.56
CA GLY C 77 -14.94 -6.85 24.55
C GLY C 77 -14.42 -5.45 24.39
N LYS C 78 -13.41 -5.24 23.58
CA LYS C 78 -12.90 -3.90 23.43
C LYS C 78 -13.40 -3.27 22.16
N ARG C 79 -14.17 -2.21 22.30
CA ARG C 79 -14.73 -1.48 21.16
C ARG C 79 -13.70 -1.06 20.12
N TYR C 80 -13.89 -1.52 18.89
CA TYR C 80 -13.08 -1.21 17.71
C TYR C 80 -11.64 -1.74 17.77
N VAL C 81 -11.39 -2.78 18.56
CA VAL C 81 -10.03 -3.25 18.78
C VAL C 81 -9.80 -4.60 18.14
N TYR C 82 -8.77 -4.68 17.30
CA TYR C 82 -8.47 -5.84 16.48
C TYR C 82 -6.98 -6.12 16.54
N ARG C 83 -6.58 -7.36 16.24
CA ARG C 83 -5.18 -7.76 16.37
C ARG C 83 -4.68 -8.46 15.09
N PHE C 84 -3.57 -7.99 14.54
CA PHE C 84 -2.87 -8.73 13.50
C PHE C 84 -2.24 -9.99 14.08
N VAL C 85 -2.67 -11.13 13.55
CA VAL C 85 -2.10 -12.43 13.93
C VAL C 85 -1.08 -12.96 12.93
N CYS C 86 -0.96 -12.33 11.76
CA CYS C 86 -0.10 -12.76 10.66
C CYS C 86 1.28 -12.15 10.78
N ASP C 87 2.22 -12.67 9.99
CA ASP C 87 3.64 -12.36 10.15
C ASP C 87 4.02 -10.95 9.68
N LEU C 88 3.73 -9.96 10.51
CA LEU C 88 4.11 -8.58 10.25
C LEU C 88 5.61 -8.30 10.45
N GLN C 89 6.31 -9.09 11.26
CA GLN C 89 7.72 -8.78 11.52
C GLN C 89 8.55 -9.04 10.27
N SER C 90 8.13 -10.02 9.50
CA SER C 90 8.76 -10.33 8.22
C SER C 90 8.31 -9.31 7.17
N LEU C 91 7.06 -8.88 7.25
CA LEU C 91 6.56 -7.94 6.27
C LEU C 91 7.19 -6.57 6.45
N LEU C 92 6.94 -5.95 7.59
CA LEU C 92 7.60 -4.70 7.91
C LEU C 92 8.74 -5.05 8.84
N GLY C 93 9.97 -4.68 8.52
CA GLY C 93 11.13 -5.17 9.29
C GLY C 93 11.09 -5.18 10.81
N TYR C 94 10.33 -4.27 11.42
CA TYR C 94 10.41 -4.00 12.87
C TYR C 94 9.63 -4.95 13.76
N THR C 95 10.02 -5.00 15.02
CA THR C 95 9.22 -5.61 16.08
C THR C 95 8.14 -4.61 16.49
N PRO C 96 7.16 -5.03 17.30
CA PRO C 96 6.13 -4.06 17.68
C PRO C 96 6.68 -2.92 18.55
N GLU C 97 7.52 -3.27 19.51
CA GLU C 97 8.15 -2.29 20.39
C GLU C 97 8.94 -1.26 19.61
N GLU C 98 9.73 -1.71 18.63
CA GLU C 98 10.50 -0.80 17.76
C GLU C 98 9.58 0.16 16.98
N LEU C 99 8.54 -0.39 16.36
CA LEU C 99 7.59 0.42 15.58
C LEU C 99 6.89 1.43 16.49
N HIS C 100 6.42 0.94 17.64
CA HIS C 100 5.74 1.79 18.59
C HIS C 100 6.61 2.97 19.00
N ALA C 101 7.92 2.73 19.12
CA ALA C 101 8.87 3.80 19.45
C ALA C 101 8.91 4.88 18.37
N MET C 102 9.13 4.48 17.13
CA MET C 102 9.17 5.43 16.00
C MET C 102 7.89 6.22 15.79
N LEU C 103 6.75 5.61 16.11
CA LEU C 103 5.47 6.25 15.90
C LEU C 103 4.88 6.86 17.18
N ASP C 104 5.71 7.04 18.22
CA ASP C 104 5.27 7.68 19.46
C ASP C 104 3.93 7.13 19.93
N VAL C 105 3.90 5.86 20.29
CA VAL C 105 2.67 5.22 20.74
C VAL C 105 2.59 5.31 22.25
N LYS C 106 1.65 6.11 22.73
CA LYS C 106 1.34 6.21 24.16
C LYS C 106 0.39 5.06 24.52
N PRO C 107 0.92 3.96 25.10
CA PRO C 107 0.09 2.76 25.30
C PRO C 107 -1.08 2.99 26.27
N SER D 192 3.85 0.14 -30.45
CA SER D 192 5.27 -0.32 -30.48
C SER D 192 5.97 -0.02 -29.14
N ASN D 193 7.10 0.69 -29.17
CA ASN D 193 7.97 0.89 -28.01
C ASN D 193 7.26 1.66 -26.88
N LEU D 194 7.66 1.39 -25.64
CA LEU D 194 7.04 1.98 -24.44
C LEU D 194 7.91 3.07 -23.84
N LYS D 195 7.33 4.25 -23.62
CA LYS D 195 8.07 5.34 -22.99
C LYS D 195 7.29 5.98 -21.85
N ILE D 196 7.97 6.12 -20.71
CA ILE D 196 7.56 7.04 -19.66
C ILE D 196 8.10 8.40 -20.03
N SER D 197 7.22 9.32 -20.37
CA SER D 197 7.60 10.68 -20.74
C SER D 197 8.01 11.41 -19.49
N ARG D 198 7.09 11.55 -18.54
CA ARG D 198 7.42 12.15 -17.23
C ARG D 198 6.52 11.65 -16.11
N MET D 199 6.98 11.85 -14.86
CA MET D 199 6.22 11.46 -13.67
C MET D 199 5.99 12.59 -12.69
N ASP D 200 4.77 12.57 -12.18
CA ASP D 200 4.28 13.37 -11.08
C ASP D 200 5.23 13.50 -9.89
N LYS D 201 5.82 12.38 -9.50
CA LYS D 201 6.73 12.35 -8.38
C LYS D 201 7.61 11.09 -8.40
N THR D 202 8.79 11.20 -7.79
CA THR D 202 9.82 10.15 -7.85
C THR D 202 10.26 9.66 -6.47
N ALA D 203 9.49 10.03 -5.44
CA ALA D 203 9.72 9.57 -4.07
C ALA D 203 8.39 9.31 -3.38
N GLY D 204 8.41 8.34 -2.47
CA GLY D 204 7.24 8.02 -1.67
C GLY D 204 7.62 7.36 -0.37
N SER D 205 6.64 7.14 0.50
CA SER D 205 6.87 6.39 1.72
C SER D 205 7.06 4.93 1.39
N VAL D 206 7.93 4.31 2.17
CA VAL D 206 8.18 2.89 2.13
C VAL D 206 6.87 2.07 2.29
N ARG D 207 5.85 2.68 2.88
CA ARG D 207 4.60 1.97 3.17
C ARG D 207 3.71 1.78 1.96
N GLY D 208 4.00 2.51 0.88
CA GLY D 208 3.22 2.40 -0.34
C GLY D 208 2.05 3.35 -0.26
N GLY D 209 1.21 3.33 -1.31
CA GLY D 209 -0.04 4.09 -1.34
C GLY D 209 0.04 5.46 -2.00
N ASP D 210 1.24 5.88 -2.39
CA ASP D 210 1.43 7.22 -2.98
C ASP D 210 0.84 7.26 -4.41
N GLU D 211 0.01 8.26 -4.69
CA GLU D 211 -0.63 8.38 -5.99
C GLU D 211 0.25 9.13 -7.01
N VAL D 212 0.60 8.42 -8.07
CA VAL D 212 1.53 8.87 -9.10
C VAL D 212 0.82 9.03 -10.44
N TYR D 213 0.93 10.23 -11.01
CA TYR D 213 0.53 10.47 -12.40
C TYR D 213 1.71 10.29 -13.34
N LEU D 214 1.68 9.19 -14.09
CA LEU D 214 2.71 8.90 -15.06
C LEU D 214 2.19 9.31 -16.42
N LEU D 215 2.99 10.02 -17.19
CA LEU D 215 2.64 10.36 -18.57
C LEU D 215 3.44 9.46 -19.48
N CYS D 216 2.81 8.90 -20.50
CA CYS D 216 3.49 7.93 -21.33
C CYS D 216 3.03 7.96 -22.77
N ASP D 217 3.75 7.23 -23.62
CA ASP D 217 3.34 6.99 -25.03
C ASP D 217 2.25 5.95 -25.08
N LYS D 218 1.64 5.83 -26.25
CA LYS D 218 0.39 5.07 -26.42
C LYS D 218 0.44 3.71 -25.69
N VAL D 219 -0.57 3.49 -24.85
CA VAL D 219 -0.76 2.24 -24.13
C VAL D 219 -2.20 1.78 -24.33
N GLN D 220 -2.41 0.49 -24.11
CA GLN D 220 -3.74 -0.10 -24.07
C GLN D 220 -4.12 -0.37 -22.61
N LYS D 221 -5.22 0.22 -22.18
CA LYS D 221 -5.68 0.09 -20.78
C LYS D 221 -5.69 -1.34 -20.23
N ASP D 222 -6.03 -2.30 -21.06
CA ASP D 222 -6.17 -3.69 -20.62
C ASP D 222 -4.90 -4.53 -20.83
N ASP D 223 -3.87 -3.96 -21.48
CA ASP D 223 -2.58 -4.64 -21.62
C ASP D 223 -1.44 -3.74 -21.15
N ILE D 224 -1.57 -3.20 -19.95
CA ILE D 224 -0.49 -2.41 -19.36
C ILE D 224 -0.35 -2.67 -17.84
N GLU D 225 0.90 -2.82 -17.40
CA GLU D 225 1.23 -2.99 -15.99
C GLU D 225 2.42 -2.10 -15.64
N VAL D 226 2.43 -1.56 -14.43
CA VAL D 226 3.53 -0.78 -13.91
C VAL D 226 4.31 -1.65 -12.93
N ARG D 227 5.51 -2.09 -13.34
CA ARG D 227 6.31 -2.98 -12.50
C ARG D 227 7.37 -2.21 -11.77
N PHE D 228 7.32 -2.24 -10.44
CA PHE D 228 8.42 -1.81 -9.59
C PHE D 228 9.32 -3.01 -9.32
N TYR D 229 10.62 -2.75 -9.24
CA TYR D 229 11.56 -3.84 -9.07
C TYR D 229 12.87 -3.42 -8.40
N GLU D 230 13.64 -4.47 -8.05
CA GLU D 230 15.00 -4.35 -7.54
C GLU D 230 15.77 -5.53 -8.16
N ASP D 231 16.93 -5.26 -8.74
CA ASP D 231 17.60 -6.24 -9.61
C ASP D 231 18.75 -7.03 -8.93
N ASP D 232 18.56 -7.39 -7.66
CA ASP D 232 19.56 -8.12 -6.91
C ASP D 232 19.37 -9.62 -7.16
N GLU D 233 20.13 -10.44 -6.41
CA GLU D 233 19.80 -11.85 -6.25
C GLU D 233 18.48 -11.98 -5.47
N ASN D 234 18.22 -11.03 -4.57
CA ASN D 234 16.94 -10.93 -3.84
C ASN D 234 15.77 -10.79 -4.82
N GLY D 235 15.99 -10.04 -5.90
CA GLY D 235 15.07 -9.96 -7.02
C GLY D 235 13.64 -9.66 -6.63
N TRP D 236 13.44 -8.58 -5.89
CA TRP D 236 12.10 -8.13 -5.48
C TRP D 236 11.35 -7.52 -6.66
N GLN D 237 10.06 -7.85 -6.80
CA GLN D 237 9.17 -7.11 -7.69
C GLN D 237 7.76 -6.84 -7.10
N ALA D 238 7.11 -5.81 -7.62
CA ALA D 238 5.79 -5.43 -7.16
C ALA D 238 5.11 -4.64 -8.26
N PHE D 239 3.80 -4.44 -8.15
CA PHE D 239 3.04 -3.77 -9.20
C PHE D 239 2.25 -2.57 -8.69
N GLY D 240 2.37 -1.46 -9.40
CA GLY D 240 1.57 -0.29 -9.12
C GLY D 240 0.10 -0.65 -9.15
N ASP D 241 -0.64 -0.17 -8.17
CA ASP D 241 -2.05 -0.51 -8.05
C ASP D 241 -2.89 0.50 -8.82
N PHE D 242 -3.51 0.04 -9.91
CA PHE D 242 -4.46 0.86 -10.67
C PHE D 242 -5.44 0.03 -11.47
N SER D 243 -6.47 0.68 -12.01
CA SER D 243 -7.40 -0.04 -12.90
C SER D 243 -7.44 0.54 -14.33
N PRO D 244 -8.04 -0.20 -15.27
CA PRO D 244 -8.17 0.28 -16.65
C PRO D 244 -8.83 1.64 -16.83
N THR D 245 -9.68 2.06 -15.88
CA THR D 245 -10.32 3.36 -15.98
C THR D 245 -9.36 4.50 -15.61
N ASP D 246 -8.39 4.19 -14.74
CA ASP D 246 -7.34 5.16 -14.38
C ASP D 246 -6.36 5.46 -15.52
N VAL D 247 -6.42 4.67 -16.60
CA VAL D 247 -5.65 4.91 -17.82
C VAL D 247 -6.37 5.94 -18.70
N HIS D 248 -5.71 7.07 -18.94
CA HIS D 248 -6.30 8.25 -19.57
C HIS D 248 -5.97 8.45 -21.07
N LYS D 249 -7.00 8.28 -21.91
CA LYS D 249 -6.87 8.52 -23.34
C LYS D 249 -5.58 7.93 -23.91
N GLN D 250 -5.26 6.68 -23.54
CA GLN D 250 -4.12 5.97 -24.12
C GLN D 250 -2.74 6.51 -23.74
N TYR D 251 -2.66 7.64 -23.03
CA TYR D 251 -1.38 8.35 -22.88
C TYR D 251 -0.96 8.72 -21.44
N ALA D 252 -1.71 8.26 -20.45
CA ALA D 252 -1.31 8.47 -19.05
C ALA D 252 -1.88 7.39 -18.16
N ILE D 253 -1.17 7.11 -17.06
CA ILE D 253 -1.62 6.18 -16.03
C ILE D 253 -1.62 6.87 -14.66
N VAL D 254 -2.73 6.76 -13.93
CA VAL D 254 -2.77 7.22 -12.54
C VAL D 254 -2.83 6.04 -11.59
N PHE D 255 -1.76 5.84 -10.82
CA PHE D 255 -1.65 4.60 -10.05
C PHE D 255 -1.10 4.82 -8.65
N ARG D 256 -1.09 3.77 -7.85
CA ARG D 256 -0.63 3.83 -6.48
C ARG D 256 0.60 2.96 -6.29
N THR D 257 1.60 3.50 -5.61
CA THR D 257 2.84 2.76 -5.38
C THR D 257 2.57 1.56 -4.49
N PRO D 258 3.29 0.47 -4.72
CA PRO D 258 3.20 -0.64 -3.77
C PRO D 258 4.10 -0.39 -2.55
N PRO D 259 3.90 -1.15 -1.47
CA PRO D 259 4.84 -1.09 -0.36
C PRO D 259 6.22 -1.55 -0.80
N TYR D 260 7.26 -1.16 -0.05
CA TYR D 260 8.55 -1.82 -0.19
C TYR D 260 8.48 -3.18 0.53
N HIS D 261 9.45 -4.05 0.27
CA HIS D 261 9.51 -5.35 0.96
C HIS D 261 9.83 -5.24 2.47
N LYS D 262 10.28 -4.06 2.92
CA LYS D 262 10.46 -3.80 4.35
C LYS D 262 10.36 -2.31 4.67
N MET D 263 9.92 -2.00 5.89
CA MET D 263 9.85 -0.62 6.36
C MET D 263 11.13 -0.18 7.10
N LYS D 264 11.88 -1.14 7.65
CA LYS D 264 13.12 -0.84 8.38
C LYS D 264 14.24 -0.44 7.44
N ILE D 265 14.37 0.88 7.24
CA ILE D 265 15.50 1.47 6.55
C ILE D 265 15.79 2.78 7.25
N GLU D 266 17.06 3.17 7.34
CA GLU D 266 17.39 4.45 7.98
C GLU D 266 18.05 5.45 7.03
N ARG D 267 18.30 5.03 5.79
CA ARG D 267 18.67 5.93 4.69
C ARG D 267 17.78 5.64 3.46
N PRO D 268 17.19 6.69 2.85
CA PRO D 268 16.28 6.55 1.71
C PRO D 268 16.79 5.60 0.62
N VAL D 269 15.96 4.66 0.21
CA VAL D 269 16.36 3.60 -0.71
C VAL D 269 15.88 3.96 -2.09
N THR D 270 16.49 3.41 -3.12
CA THR D 270 16.06 3.63 -4.50
C THR D 270 15.82 2.31 -5.24
N VAL D 271 14.63 2.17 -5.81
CA VAL D 271 14.23 1.04 -6.64
C VAL D 271 13.91 1.54 -8.05
N PHE D 272 13.71 0.62 -8.99
CA PHE D 272 13.36 1.05 -10.34
C PHE D 272 11.93 0.71 -10.68
N LEU D 273 11.46 1.26 -11.79
CA LEU D 273 10.15 0.87 -12.32
C LEU D 273 10.09 0.96 -13.84
N GLN D 274 9.24 0.14 -14.43
CA GLN D 274 9.04 0.13 -15.86
C GLN D 274 7.58 -0.10 -16.18
N LEU D 275 7.18 0.25 -17.39
CA LEU D 275 5.92 -0.21 -17.94
C LEU D 275 6.25 -1.56 -18.53
N LYS D 276 5.22 -2.41 -18.59
CA LYS D 276 5.38 -3.78 -19.01
C LYS D 276 4.04 -4.27 -19.49
N ARG D 277 4.00 -4.85 -20.69
CA ARG D 277 2.76 -5.46 -21.19
C ARG D 277 2.61 -6.85 -20.54
N LYS D 278 1.38 -7.15 -20.14
CA LYS D 278 1.05 -8.41 -19.53
C LYS D 278 1.42 -9.43 -20.58
N ARG D 279 0.78 -9.31 -21.74
CA ARG D 279 1.08 -10.17 -22.90
C ARG D 279 1.87 -9.35 -23.91
N GLY D 280 3.15 -9.70 -24.07
CA GLY D 280 4.08 -8.91 -24.87
C GLY D 280 5.53 -8.99 -24.41
N GLY D 281 5.74 -9.12 -23.10
CA GLY D 281 7.08 -9.21 -22.53
C GLY D 281 7.78 -7.86 -22.48
N ASP D 282 7.90 -7.23 -23.65
CA ASP D 282 8.47 -5.89 -23.79
C ASP D 282 8.09 -4.88 -22.71
N VAL D 283 9.09 -4.08 -22.35
CA VAL D 283 9.03 -3.15 -21.23
C VAL D 283 9.51 -1.78 -21.70
N SER D 284 9.49 -0.80 -20.80
CA SER D 284 10.01 0.54 -21.11
C SER D 284 11.39 0.79 -20.47
N ASP D 285 12.04 1.85 -20.95
CA ASP D 285 13.16 2.48 -20.23
C ASP D 285 12.70 2.76 -18.79
N SER D 286 13.51 2.30 -17.83
CA SER D 286 13.09 2.23 -16.43
C SER D 286 13.47 3.47 -15.61
N LYS D 287 12.48 4.20 -15.13
CA LYS D 287 12.72 5.37 -14.28
C LYS D 287 13.02 4.98 -12.83
N GLN D 288 13.70 5.89 -12.13
CA GLN D 288 13.93 5.80 -10.68
C GLN D 288 12.65 5.95 -9.88
N PHE D 289 12.63 5.32 -8.71
CA PHE D 289 11.70 5.71 -7.66
C PHE D 289 12.41 5.53 -6.34
N THR D 290 12.09 6.36 -5.37
CA THR D 290 12.83 6.36 -4.11
C THR D 290 11.90 6.26 -2.89
N TYR D 291 12.15 5.25 -2.05
CA TYR D 291 11.36 4.99 -0.84
C TYR D 291 11.98 5.65 0.40
N TYR D 292 11.12 6.19 1.26
CA TYR D 292 11.49 6.92 2.46
C TYR D 292 11.04 6.20 3.75
N PRO D 293 11.75 6.40 4.88
CA PRO D 293 11.34 5.83 6.18
C PRO D 293 10.12 6.57 6.74
N LEU D 294 9.92 6.40 8.04
CA LEU D 294 8.87 7.01 8.83
C LEU D 294 7.53 7.05 8.17
#